data_6HX1
#
_entry.id   6HX1
#
_cell.length_a   144.408
_cell.length_b   47.074
_cell.length_c   86.369
_cell.angle_alpha   90.00
_cell.angle_beta   112.14
_cell.angle_gamma   90.00
#
_symmetry.space_group_name_H-M   'C 1 2 1'
#
loop_
_entity.id
_entity.type
_entity.pdbx_description
1 polymer 'Serine/threonine-protein kinase/endoribonuclease IRE1'
2 non-polymer 6-chloranyl-~{N}-(cyclopropylmethyl)-3-(2~{H}-indazol-5-yl)imidazo[1,2-b]pyridazin-8-amine
3 water water
#
_entity_poly.entity_id   1
_entity_poly.type   'polypeptide(L)'
_entity_poly.pdbx_seq_one_letter_code
;SVVIVGKISFCPKDVLGHGAEGTIVYRGMFDNRDVAVKRILPECFSFADREVQLLRESDEHPNVIRYFCTEKDRQFQYIA
IELCAATLQEYVEQKDFAHLGLEPITLLQQTTSGLAHLHSLNIVHRDLKPHNILISMPNAHGKIKAMISDFGLCKKLAVG
RHSFSRRSGVPGTEGWIAPEMLSEDCKENPTYTVDIFSAGCVFYYVISEGSHPFGKSLQRQANILLGACSLDCLHPEKHE
DVIARELIEKMIAMDPQKRPSAKHVLKHPFFWSLEKQLQFFQDVSDRIEKESLDGPIVKQLERGGRAVVKMDWRENITVP
LQTDLRKFRTYKGGSVRDLLRAMRNKKHHYRELPAEVRETLGSLPDDFVCYFTSRFPHLLAHTYRAMELCSHERLFQPYY
FHE
;
_entity_poly.pdbx_strand_id   A
#
# COMPACT_ATOMS: atom_id res chain seq x y z
N SER A 1 -3.20 -29.38 -30.85
CA SER A 1 -3.55 -28.43 -31.95
C SER A 1 -3.10 -27.02 -31.63
N VAL A 2 -2.80 -26.24 -32.67
CA VAL A 2 -2.25 -24.89 -32.50
C VAL A 2 -2.77 -23.94 -33.60
N VAL A 3 -3.10 -22.71 -33.19
CA VAL A 3 -3.54 -21.64 -34.10
C VAL A 3 -2.49 -20.55 -34.07
N ILE A 4 -2.01 -20.17 -35.25
CA ILE A 4 -1.05 -19.07 -35.43
C ILE A 4 -1.78 -17.92 -36.11
N VAL A 5 -1.75 -16.75 -35.48
CA VAL A 5 -2.30 -15.52 -36.06
C VAL A 5 -1.23 -14.44 -35.91
N GLY A 6 -0.40 -14.28 -36.94
CA GLY A 6 0.73 -13.36 -36.91
C GLY A 6 1.73 -13.76 -35.83
N LYS A 7 2.07 -12.81 -34.95
CA LYS A 7 2.99 -13.06 -33.84
C LYS A 7 2.37 -13.77 -32.62
N ILE A 8 1.08 -14.11 -32.68
CA ILE A 8 0.35 -14.73 -31.57
C ILE A 8 0.00 -16.16 -31.93
N SER A 9 0.38 -17.09 -31.05
CA SER A 9 -0.09 -18.47 -31.12
C SER A 9 -0.87 -18.84 -29.86
N PHE A 10 -1.66 -19.89 -29.97
CA PHE A 10 -2.42 -20.44 -28.85
C PHE A 10 -3.00 -21.80 -29.22
N CYS A 11 -3.38 -22.56 -28.20
CA CYS A 11 -4.08 -23.84 -28.38
C CYS A 11 -5.54 -23.65 -27.96
N PRO A 12 -6.51 -23.81 -28.90
CA PRO A 12 -7.96 -23.67 -28.63
C PRO A 12 -8.52 -24.45 -27.42
N LYS A 13 -7.89 -25.58 -27.08
CA LYS A 13 -8.22 -26.32 -25.87
C LYS A 13 -7.90 -25.57 -24.56
N ASP A 14 -6.91 -24.68 -24.60
CA ASP A 14 -6.46 -23.93 -23.42
C ASP A 14 -7.30 -22.68 -23.14
N VAL A 15 -8.56 -22.92 -22.76
CA VAL A 15 -9.52 -21.87 -22.44
C VAL A 15 -9.34 -21.45 -20.98
N LEU A 16 -9.09 -20.16 -20.76
CA LEU A 16 -9.02 -19.56 -19.42
C LEU A 16 -10.35 -18.92 -19.00
N GLY A 17 -11.13 -18.42 -19.96
CA GLY A 17 -12.41 -17.81 -19.63
C GLY A 17 -13.26 -17.32 -20.77
N HIS A 18 -14.46 -16.85 -20.40
CA HIS A 18 -15.45 -16.34 -21.34
C HIS A 18 -15.94 -14.97 -20.90
N GLY A 19 -16.22 -14.13 -21.88
CA GLY A 19 -16.78 -12.81 -21.66
C GLY A 19 -18.03 -12.62 -22.50
N ALA A 20 -18.47 -11.37 -22.59
CA ALA A 20 -19.69 -11.02 -23.31
C ALA A 20 -19.55 -11.15 -24.82
N GLU A 21 -20.69 -11.37 -25.49
CA GLU A 21 -20.81 -11.46 -26.96
C GLU A 21 -19.87 -12.46 -27.64
N GLY A 22 -19.64 -13.58 -26.98
CA GLY A 22 -18.75 -14.61 -27.52
C GLY A 22 -17.26 -14.30 -27.51
N THR A 23 -16.85 -13.37 -26.65
N THR A 23 -16.83 -13.37 -26.67
CA THR A 23 -15.44 -13.15 -26.37
CA THR A 23 -15.40 -13.15 -26.44
C THR A 23 -14.91 -14.34 -25.56
C THR A 23 -14.89 -14.29 -25.57
N ILE A 24 -13.65 -14.69 -25.80
CA ILE A 24 -13.04 -15.83 -25.15
C ILE A 24 -11.58 -15.51 -24.92
N VAL A 25 -11.01 -16.08 -23.87
CA VAL A 25 -9.61 -15.87 -23.52
C VAL A 25 -8.94 -17.22 -23.49
N TYR A 26 -7.84 -17.33 -24.23
CA TYR A 26 -6.99 -18.52 -24.24
C TYR A 26 -5.63 -18.20 -23.64
N ARG A 27 -4.97 -19.25 -23.15
CA ARG A 27 -3.55 -19.17 -22.85
C ARG A 27 -2.77 -19.37 -24.14
N GLY A 28 -1.72 -18.57 -24.32
CA GLY A 28 -0.91 -18.63 -25.53
C GLY A 28 0.46 -18.01 -25.38
N MET A 29 1.08 -17.73 -26.53
CA MET A 29 2.43 -17.19 -26.60
C MET A 29 2.45 -15.97 -27.51
N PHE A 30 3.30 -15.01 -27.18
CA PHE A 30 3.65 -13.89 -28.04
C PHE A 30 5.06 -13.47 -27.69
N ASP A 31 5.98 -13.57 -28.65
CA ASP A 31 7.37 -13.10 -28.48
C ASP A 31 8.07 -13.81 -27.31
N ASN A 32 7.90 -15.13 -27.24
CA ASN A 32 8.42 -15.97 -26.13
C ASN A 32 7.89 -15.60 -24.73
N ARG A 33 6.72 -14.97 -24.67
CA ARG A 33 6.04 -14.70 -23.40
C ARG A 33 4.81 -15.57 -23.33
N ASP A 34 4.48 -16.05 -22.14
CA ASP A 34 3.19 -16.65 -21.87
C ASP A 34 2.20 -15.49 -21.72
N VAL A 35 1.15 -15.51 -22.53
CA VAL A 35 0.16 -14.42 -22.57
C VAL A 35 -1.24 -14.97 -22.54
N ALA A 36 -2.16 -14.12 -22.08
CA ALA A 36 -3.58 -14.33 -22.30
C ALA A 36 -3.87 -13.78 -23.70
N VAL A 37 -4.64 -14.54 -24.48
CA VAL A 37 -5.00 -14.18 -25.84
C VAL A 37 -6.53 -14.05 -25.89
N LYS A 38 -6.99 -12.81 -26.01
CA LYS A 38 -8.42 -12.51 -26.07
C LYS A 38 -8.85 -12.48 -27.52
N ARG A 39 -9.83 -13.33 -27.87
CA ARG A 39 -10.40 -13.35 -29.21
C ARG A 39 -11.74 -12.65 -29.20
N ILE A 40 -11.91 -11.66 -30.08
CA ILE A 40 -13.11 -10.81 -30.11
C ILE A 40 -13.58 -10.55 -31.53
N LEU A 41 -14.88 -10.30 -31.67
CA LEU A 41 -15.40 -9.64 -32.85
C LEU A 41 -15.00 -8.16 -32.71
N PRO A 42 -14.52 -7.53 -33.80
CA PRO A 42 -14.07 -6.15 -33.69
C PRO A 42 -15.22 -5.17 -33.51
N GLU A 43 -15.03 -4.21 -32.62
CA GLU A 43 -16.02 -3.17 -32.36
C GLU A 43 -15.77 -1.97 -33.26
N CYS A 44 -16.87 -1.34 -33.68
CA CYS A 44 -16.81 -0.20 -34.58
C CYS A 44 -16.61 1.11 -33.83
N PHE A 45 -16.54 2.19 -34.61
CA PHE A 45 -16.62 3.57 -34.13
C PHE A 45 -15.35 4.01 -33.41
N ARG A 56 -0.55 3.52 -24.90
CA ARG A 56 0.72 3.97 -25.50
C ARG A 56 1.87 3.20 -24.88
N GLU A 57 2.53 2.43 -25.75
CA GLU A 57 3.76 1.71 -25.43
C GLU A 57 4.81 2.54 -24.65
N SER A 58 4.91 3.83 -24.98
CA SER A 58 5.79 4.78 -24.29
C SER A 58 5.30 5.18 -22.88
N ASP A 59 4.06 4.81 -22.54
CA ASP A 59 3.45 5.09 -21.25
C ASP A 59 3.18 3.81 -20.45
N GLU A 60 3.91 2.74 -20.75
CA GLU A 60 3.76 1.49 -20.00
C GLU A 60 4.44 1.61 -18.64
N HIS A 61 4.02 0.72 -17.75
CA HIS A 61 4.46 0.74 -16.35
C HIS A 61 4.31 -0.70 -15.81
N PRO A 62 5.29 -1.17 -15.02
CA PRO A 62 5.27 -2.58 -14.57
C PRO A 62 4.02 -3.04 -13.79
N ASN A 63 3.42 -2.13 -13.03
CA ASN A 63 2.20 -2.41 -12.26
C ASN A 63 0.87 -1.95 -12.89
N VAL A 64 0.86 -1.81 -14.22
CA VAL A 64 -0.37 -1.71 -15.00
C VAL A 64 -0.27 -2.79 -16.07
N ILE A 65 -1.38 -3.51 -16.29
CA ILE A 65 -1.37 -4.62 -17.24
C ILE A 65 -1.05 -4.16 -18.67
N ARG A 66 -0.23 -4.94 -19.36
CA ARG A 66 0.15 -4.64 -20.74
C ARG A 66 -0.73 -5.37 -21.74
N TYR A 67 -1.19 -4.61 -22.73
CA TYR A 67 -1.81 -5.13 -23.93
C TYR A 67 -0.74 -5.08 -25.01
N PHE A 68 -0.13 -6.23 -25.29
CA PHE A 68 1.09 -6.31 -26.09
C PHE A 68 0.89 -6.07 -27.58
N CYS A 69 -0.15 -6.68 -28.13
CA CYS A 69 -0.30 -6.78 -29.58
C CYS A 69 -1.72 -7.20 -29.95
N THR A 70 -2.21 -6.67 -31.07
CA THR A 70 -3.47 -7.08 -31.67
C THR A 70 -3.19 -7.61 -33.08
N GLU A 71 -3.74 -8.78 -33.38
CA GLU A 71 -3.66 -9.40 -34.72
C GLU A 71 -5.08 -9.76 -35.15
N LYS A 72 -5.25 -10.14 -36.42
CA LYS A 72 -6.57 -10.47 -36.95
C LYS A 72 -6.51 -11.51 -38.07
N ASP A 73 -7.50 -12.41 -38.08
CA ASP A 73 -7.80 -13.23 -39.26
C ASP A 73 -8.97 -12.57 -40.03
N ARG A 74 -9.77 -13.34 -40.76
CA ARG A 74 -10.89 -12.77 -41.54
C ARG A 74 -12.13 -12.46 -40.71
N GLN A 75 -12.27 -13.13 -39.56
CA GLN A 75 -13.42 -12.96 -38.67
C GLN A 75 -13.10 -12.20 -37.38
N PHE A 76 -12.08 -12.67 -36.64
CA PHE A 76 -11.78 -12.19 -35.29
C PHE A 76 -10.54 -11.33 -35.19
N GLN A 77 -10.51 -10.50 -34.14
CA GLN A 77 -9.29 -9.90 -33.62
C GLN A 77 -8.78 -10.79 -32.48
N TYR A 78 -7.46 -10.90 -32.36
CA TYR A 78 -6.79 -11.62 -31.26
C TYR A 78 -5.85 -10.66 -30.58
N ILE A 79 -5.99 -10.51 -29.25
CA ILE A 79 -5.26 -9.50 -28.48
C ILE A 79 -4.39 -10.22 -27.45
N ALA A 80 -3.08 -10.01 -27.54
CA ALA A 80 -2.13 -10.56 -26.58
C ALA A 80 -2.08 -9.68 -25.35
N ILE A 81 -2.27 -10.30 -24.18
CA ILE A 81 -2.41 -9.59 -22.91
C ILE A 81 -1.52 -10.27 -21.85
N GLU A 82 -0.90 -9.45 -21.01
CA GLU A 82 -0.01 -9.91 -19.95
C GLU A 82 -0.73 -10.84 -18.96
N LEU A 83 -0.20 -12.04 -18.80
CA LEU A 83 -0.88 -13.14 -18.12
C LEU A 83 -0.72 -13.07 -16.61
N CYS A 84 -1.81 -13.27 -15.87
CA CYS A 84 -1.76 -13.34 -14.40
C CYS A 84 -1.92 -14.78 -13.90
N ALA A 85 -1.38 -15.03 -12.70
CA ALA A 85 -1.55 -16.31 -12.01
C ALA A 85 -2.81 -16.33 -11.15
N ALA A 86 -3.19 -15.16 -10.63
CA ALA A 86 -4.29 -15.04 -9.66
C ALA A 86 -4.74 -13.58 -9.53
N THR A 87 -5.92 -13.38 -8.96
CA THR A 87 -6.35 -12.04 -8.55
C THR A 87 -5.89 -11.80 -7.11
N LEU A 88 -5.99 -10.55 -6.69
CA LEU A 88 -5.79 -10.18 -5.30
C LEU A 88 -6.84 -10.82 -4.39
N GLN A 89 -8.07 -10.98 -4.89
CA GLN A 89 -9.10 -11.71 -4.14
C GLN A 89 -8.58 -13.09 -3.72
N GLU A 90 -7.98 -13.80 -4.67
CA GLU A 90 -7.46 -15.14 -4.44
C GLU A 90 -6.22 -15.13 -3.54
N TYR A 91 -5.31 -14.20 -3.80
CA TYR A 91 -4.14 -13.97 -2.93
C TYR A 91 -4.53 -13.80 -1.47
N VAL A 92 -5.53 -12.95 -1.24
CA VAL A 92 -6.04 -12.68 0.11
C VAL A 92 -6.87 -13.83 0.68
N GLU A 93 -7.82 -14.35 -0.10
CA GLU A 93 -8.85 -15.26 0.45
C GLU A 93 -8.50 -16.74 0.46
N GLN A 94 -7.93 -17.25 -0.64
CA GLN A 94 -7.68 -18.70 -0.78
C GLN A 94 -6.88 -19.26 0.39
N LYS A 95 -7.28 -20.44 0.86
CA LYS A 95 -6.59 -21.12 1.94
C LYS A 95 -5.20 -21.57 1.48
N ASP A 96 -4.20 -21.30 2.33
CA ASP A 96 -2.81 -21.72 2.09
C ASP A 96 -2.21 -21.17 0.77
N PHE A 97 -2.60 -19.97 0.38
CA PHE A 97 -2.09 -19.34 -0.85
C PHE A 97 -0.63 -18.92 -0.67
N ALA A 98 0.24 -19.49 -1.50
CA ALA A 98 1.65 -19.16 -1.50
C ALA A 98 1.88 -17.73 -2.02
N HIS A 99 2.44 -16.89 -1.15
CA HIS A 99 2.82 -15.52 -1.52
C HIS A 99 3.94 -15.45 -2.58
N LEU A 100 4.81 -16.46 -2.60
CA LEU A 100 5.94 -16.55 -3.54
C LEU A 100 6.87 -15.32 -3.50
N GLY A 101 7.13 -14.84 -2.27
CA GLY A 101 8.02 -13.71 -2.03
C GLY A 101 7.43 -12.32 -2.14
N LEU A 102 6.13 -12.22 -2.45
CA LEU A 102 5.42 -10.93 -2.56
C LEU A 102 4.59 -10.71 -1.30
N GLU A 103 5.10 -9.87 -0.40
CA GLU A 103 4.42 -9.57 0.86
C GLU A 103 3.41 -8.42 0.70
N PRO A 104 2.40 -8.35 1.59
CA PRO A 104 1.29 -7.40 1.46
C PRO A 104 1.65 -5.94 1.24
N ILE A 105 2.55 -5.39 2.04
CA ILE A 105 2.93 -3.98 1.93
C ILE A 105 3.55 -3.68 0.55
N THR A 106 4.43 -4.56 0.08
CA THR A 106 5.03 -4.47 -1.25
C THR A 106 3.96 -4.52 -2.34
N LEU A 107 3.03 -5.46 -2.20
CA LEU A 107 1.90 -5.60 -3.12
C LEU A 107 1.13 -4.29 -3.24
N LEU A 108 0.78 -3.72 -2.09
CA LEU A 108 0.08 -2.43 -2.01
C LEU A 108 0.91 -1.26 -2.55
N GLN A 109 2.21 -1.32 -2.31
N GLN A 109 2.22 -1.30 -2.31
CA GLN A 109 3.17 -0.33 -2.81
CA GLN A 109 3.14 -0.28 -2.83
C GLN A 109 3.14 -0.29 -4.33
C GLN A 109 3.15 -0.28 -4.36
N GLN A 110 3.25 -1.48 -4.93
CA GLN A 110 3.18 -1.66 -6.37
C GLN A 110 1.83 -1.24 -6.95
N THR A 111 0.74 -1.59 -6.26
CA THR A 111 -0.60 -1.18 -6.69
C THR A 111 -0.75 0.33 -6.69
N THR A 112 -0.28 0.99 -5.64
CA THR A 112 -0.29 2.45 -5.57
C THR A 112 0.62 3.12 -6.64
N SER A 113 1.72 2.46 -7.02
CA SER A 113 2.61 3.00 -8.08
C SER A 113 1.93 2.97 -9.45
N GLY A 114 1.31 1.85 -9.78
CA GLY A 114 0.49 1.72 -10.98
C GLY A 114 -0.63 2.75 -11.04
N LEU A 115 -1.23 3.04 -9.89
CA LEU A 115 -2.31 4.01 -9.79
C LEU A 115 -1.81 5.46 -9.93
N ALA A 116 -0.65 5.75 -9.33
CA ALA A 116 -0.03 7.06 -9.47
C ALA A 116 0.35 7.30 -10.94
N HIS A 117 0.81 6.24 -11.59
CA HIS A 117 1.11 6.29 -13.01
C HIS A 117 -0.13 6.59 -13.86
N LEU A 118 -1.22 5.86 -13.63
CA LEU A 118 -2.49 6.09 -14.33
C LEU A 118 -3.00 7.53 -14.10
N HIS A 119 -2.92 8.00 -12.85
CA HIS A 119 -3.32 9.37 -12.52
C HIS A 119 -2.40 10.43 -13.12
N SER A 120 -1.12 10.11 -13.27
CA SER A 120 -0.16 11.01 -13.94
C SER A 120 -0.53 11.21 -15.42
N LEU A 121 -1.19 10.21 -16.01
CA LEU A 121 -1.73 10.29 -17.38
C LEU A 121 -3.18 10.79 -17.46
N ASN A 122 -3.70 11.38 -16.38
CA ASN A 122 -5.10 11.79 -16.28
C ASN A 122 -6.13 10.69 -16.58
N ILE A 123 -5.81 9.47 -16.17
CA ILE A 123 -6.74 8.34 -16.26
C ILE A 123 -7.26 8.05 -14.86
N VAL A 124 -8.57 7.86 -14.74
CA VAL A 124 -9.21 7.41 -13.50
C VAL A 124 -9.71 5.99 -13.75
N HIS A 125 -9.34 5.05 -12.88
CA HIS A 125 -9.82 3.67 -12.99
C HIS A 125 -11.32 3.57 -12.80
N ARG A 126 -11.77 4.09 -11.66
CA ARG A 126 -13.18 4.14 -11.20
C ARG A 126 -13.82 2.89 -10.57
N ASP A 127 -13.10 1.78 -10.50
CA ASP A 127 -13.67 0.50 -10.06
C ASP A 127 -12.56 -0.44 -9.59
N LEU A 128 -11.60 0.13 -8.86
CA LEU A 128 -10.44 -0.60 -8.39
C LEU A 128 -10.86 -1.47 -7.22
N LYS A 129 -10.63 -2.77 -7.34
CA LYS A 129 -11.14 -3.76 -6.41
C LYS A 129 -10.21 -4.98 -6.43
N PRO A 130 -10.41 -5.95 -5.52
CA PRO A 130 -9.55 -7.16 -5.56
C PRO A 130 -9.57 -7.97 -6.87
N HIS A 131 -10.68 -7.88 -7.60
CA HIS A 131 -10.92 -8.68 -8.80
C HIS A 131 -10.10 -8.21 -10.01
N ASN A 132 -9.67 -6.94 -10.00
CA ASN A 132 -8.86 -6.37 -11.09
C ASN A 132 -7.47 -5.85 -10.67
N ILE A 133 -6.98 -6.32 -9.52
CA ILE A 133 -5.57 -6.18 -9.17
C ILE A 133 -5.04 -7.58 -9.31
N LEU A 134 -4.19 -7.79 -10.30
CA LEU A 134 -3.79 -9.13 -10.72
C LEU A 134 -2.36 -9.42 -10.28
N ILE A 135 -2.13 -10.65 -9.86
CA ILE A 135 -0.81 -11.13 -9.46
C ILE A 135 -0.19 -11.77 -10.69
N SER A 136 1.00 -11.31 -11.08
CA SER A 136 1.66 -11.82 -12.27
C SER A 136 2.11 -13.26 -12.11
N MET A 137 2.36 -13.89 -13.26
CA MET A 137 3.16 -15.10 -13.34
C MET A 137 4.59 -14.71 -12.94
N PRO A 138 5.35 -15.65 -12.34
CA PRO A 138 6.74 -15.29 -11.96
C PRO A 138 7.61 -15.04 -13.19
N ASN A 139 8.34 -13.93 -13.18
CA ASN A 139 9.20 -13.55 -14.30
C ASN A 139 10.47 -14.43 -14.40
N ALA A 140 11.35 -14.12 -15.35
CA ALA A 140 12.62 -14.87 -15.52
C ALA A 140 13.51 -14.88 -14.26
N HIS A 141 13.39 -13.83 -13.46
CA HIS A 141 14.12 -13.69 -12.19
C HIS A 141 13.39 -14.29 -10.96
N GLY A 142 12.36 -15.10 -11.20
CA GLY A 142 11.56 -15.72 -10.15
C GLY A 142 10.73 -14.80 -9.28
N LYS A 143 10.39 -13.61 -9.80
CA LYS A 143 9.68 -12.58 -9.02
C LYS A 143 8.28 -12.32 -9.57
N ILE A 144 7.35 -12.03 -8.66
CA ILE A 144 5.97 -11.65 -9.04
C ILE A 144 5.64 -10.23 -8.61
N LYS A 145 4.60 -9.69 -9.21
CA LYS A 145 4.17 -8.33 -9.00
C LYS A 145 2.67 -8.21 -9.04
N ALA A 146 2.17 -7.10 -8.48
CA ALA A 146 0.79 -6.70 -8.66
C ALA A 146 0.70 -5.83 -9.91
N MET A 147 -0.37 -6.00 -10.68
CA MET A 147 -0.67 -5.11 -11.78
C MET A 147 -2.15 -4.83 -11.87
N ILE A 148 -2.47 -3.54 -12.04
CA ILE A 148 -3.84 -3.08 -12.13
C ILE A 148 -4.31 -3.39 -13.55
N SER A 149 -5.52 -3.95 -13.63
CA SER A 149 -6.17 -4.29 -14.90
C SER A 149 -7.44 -3.48 -15.03
N ASP A 150 -7.85 -3.25 -16.27
CA ASP A 150 -9.17 -2.71 -16.57
C ASP A 150 -10.25 -3.79 -16.47
N PHE A 151 -9.93 -5.02 -16.84
CA PHE A 151 -10.84 -6.15 -16.65
C PHE A 151 -10.60 -6.83 -15.31
N GLY A 152 -11.70 -7.09 -14.59
CA GLY A 152 -11.67 -7.89 -13.36
C GLY A 152 -11.98 -9.35 -13.67
N LEU A 153 -11.38 -10.25 -12.89
CA LEU A 153 -11.60 -11.69 -13.04
C LEU A 153 -12.32 -12.27 -11.83
N CYS A 154 -13.31 -13.13 -12.09
CA CYS A 154 -14.07 -13.82 -11.05
C CYS A 154 -14.03 -15.31 -11.33
N LYS A 155 -13.55 -16.07 -10.35
CA LYS A 155 -13.46 -17.53 -10.49
C LYS A 155 -14.86 -18.13 -10.57
N LYS A 156 -15.01 -19.13 -11.43
CA LYS A 156 -16.31 -19.79 -11.63
C LYS A 156 -16.14 -21.31 -11.64
N VAL A 159 -14.41 -24.70 -13.25
CA VAL A 159 -13.18 -25.38 -12.88
C VAL A 159 -12.04 -24.98 -13.84
N GLY A 160 -11.03 -24.29 -13.30
CA GLY A 160 -9.94 -23.75 -14.11
C GLY A 160 -10.36 -22.64 -15.08
N ARG A 161 -11.50 -22.00 -14.80
CA ARG A 161 -12.03 -20.94 -15.65
C ARG A 161 -12.31 -19.68 -14.83
N HIS A 162 -12.28 -18.53 -15.50
CA HIS A 162 -12.62 -17.24 -14.90
C HIS A 162 -13.48 -16.42 -15.85
N SER A 163 -14.53 -15.78 -15.33
CA SER A 163 -15.23 -14.75 -16.09
C SER A 163 -14.39 -13.48 -16.03
N PHE A 164 -14.39 -12.70 -17.12
CA PHE A 164 -13.73 -11.39 -17.17
C PHE A 164 -14.74 -10.34 -17.60
N SER A 165 -14.70 -9.18 -16.93
CA SER A 165 -15.55 -8.05 -17.29
C SER A 165 -14.93 -6.73 -16.86
N ARG A 166 -15.22 -5.68 -17.62
CA ARG A 166 -14.90 -4.29 -17.25
C ARG A 166 -15.96 -3.61 -16.41
N ARG A 167 -17.12 -4.26 -16.26
CA ARG A 167 -18.27 -3.64 -15.64
C ARG A 167 -18.28 -3.81 -14.13
N SER A 168 -18.78 -2.78 -13.45
CA SER A 168 -18.92 -2.80 -12.00
C SER A 168 -20.26 -3.40 -11.62
N GLY A 169 -20.24 -4.26 -10.60
CA GLY A 169 -21.45 -4.88 -10.08
C GLY A 169 -21.89 -6.16 -10.77
N VAL A 170 -21.07 -6.69 -11.68
CA VAL A 170 -21.33 -8.03 -12.26
C VAL A 170 -21.25 -9.11 -11.17
N PRO A 171 -21.96 -10.24 -11.36
CA PRO A 171 -21.97 -11.32 -10.36
C PRO A 171 -20.57 -11.77 -9.93
N GLY A 172 -20.37 -11.85 -8.61
CA GLY A 172 -19.04 -12.05 -8.02
C GLY A 172 -18.42 -10.80 -7.41
N THR A 173 -18.77 -9.63 -7.96
CA THR A 173 -18.12 -8.34 -7.63
C THR A 173 -19.10 -7.40 -6.92
N GLU A 174 -19.92 -7.96 -6.06
CA GLU A 174 -21.16 -7.34 -5.58
C GLU A 174 -20.92 -6.34 -4.45
N GLY A 175 -20.05 -6.72 -3.52
CA GLY A 175 -19.62 -5.84 -2.42
C GLY A 175 -18.57 -4.79 -2.75
N TRP A 176 -18.18 -4.68 -4.03
CA TRP A 176 -17.26 -3.66 -4.51
C TRP A 176 -17.89 -2.89 -5.68
N ILE A 177 -18.68 -1.89 -5.34
CA ILE A 177 -19.34 -1.03 -6.34
C ILE A 177 -18.47 0.20 -6.53
N ALA A 178 -18.48 0.71 -7.75
CA ALA A 178 -17.76 1.92 -8.13
C ALA A 178 -18.19 3.07 -7.21
N PRO A 179 -17.23 3.72 -6.51
CA PRO A 179 -17.56 4.81 -5.57
C PRO A 179 -18.45 5.92 -6.11
N GLU A 180 -18.31 6.25 -7.41
CA GLU A 180 -19.16 7.26 -8.07
C GLU A 180 -20.67 6.96 -8.00
N MET A 181 -21.03 5.68 -7.93
CA MET A 181 -22.43 5.27 -7.76
C MET A 181 -23.02 5.63 -6.39
N LEU A 182 -22.16 5.79 -5.38
CA LEU A 182 -22.56 6.18 -4.03
C LEU A 182 -22.25 7.66 -3.74
N SER A 183 -22.80 8.55 -4.58
CA SER A 183 -22.57 10.00 -4.46
C SER A 183 -23.72 10.77 -5.09
N GLU A 188 -20.49 16.17 -10.62
CA GLU A 188 -19.06 16.17 -10.89
C GLU A 188 -18.60 14.83 -11.47
N ASN A 189 -17.81 14.89 -12.55
CA ASN A 189 -17.24 13.69 -13.18
C ASN A 189 -16.12 13.10 -12.30
N PRO A 190 -15.93 11.75 -12.30
CA PRO A 190 -14.97 11.14 -11.37
C PRO A 190 -13.53 11.66 -11.46
N THR A 191 -12.97 11.95 -10.30
CA THR A 191 -11.62 12.47 -10.11
C THR A 191 -10.77 11.35 -9.51
N TYR A 192 -9.45 11.55 -9.44
CA TYR A 192 -8.54 10.65 -8.70
C TYR A 192 -9.03 10.21 -7.31
N THR A 193 -9.84 11.04 -6.65
CA THR A 193 -10.28 10.79 -5.27
C THR A 193 -11.17 9.56 -5.10
N VAL A 194 -11.86 9.13 -6.16
CA VAL A 194 -12.62 7.87 -6.11
C VAL A 194 -11.67 6.67 -6.07
N ASP A 195 -10.60 6.74 -6.86
CA ASP A 195 -9.57 5.70 -6.87
C ASP A 195 -8.85 5.57 -5.52
N ILE A 196 -8.65 6.69 -4.83
CA ILE A 196 -7.94 6.67 -3.55
C ILE A 196 -8.79 6.00 -2.48
N PHE A 197 -10.08 6.33 -2.48
CA PHE A 197 -11.08 5.69 -1.60
C PHE A 197 -11.09 4.17 -1.79
N SER A 198 -11.18 3.75 -3.04
CA SER A 198 -11.14 2.33 -3.41
C SER A 198 -9.83 1.68 -3.00
N ALA A 199 -8.72 2.37 -3.27
CA ALA A 199 -7.40 1.92 -2.83
C ALA A 199 -7.36 1.74 -1.32
N GLY A 200 -7.88 2.73 -0.59
CA GLY A 200 -7.97 2.66 0.88
C GLY A 200 -8.72 1.43 1.36
N CYS A 201 -9.81 1.12 0.67
CA CYS A 201 -10.59 -0.09 0.94
C CYS A 201 -9.82 -1.37 0.63
N VAL A 202 -9.07 -1.36 -0.48
CA VAL A 202 -8.16 -2.47 -0.84
C VAL A 202 -7.02 -2.61 0.18
N PHE A 203 -6.47 -1.49 0.64
CA PHE A 203 -5.43 -1.53 1.67
C PHE A 203 -5.92 -2.29 2.90
N TYR A 204 -7.09 -1.92 3.41
CA TYR A 204 -7.65 -2.58 4.59
C TYR A 204 -7.99 -4.06 4.33
N TYR A 205 -8.56 -4.33 3.15
CA TYR A 205 -8.89 -5.70 2.72
C TYR A 205 -7.70 -6.65 2.80
N VAL A 206 -6.57 -6.22 2.26
CA VAL A 206 -5.35 -7.02 2.28
C VAL A 206 -4.83 -7.18 3.71
N ILE A 207 -4.73 -6.06 4.42
CA ILE A 207 -4.16 -6.06 5.78
C ILE A 207 -4.98 -6.86 6.78
N SER A 208 -6.31 -6.79 6.66
CA SER A 208 -7.22 -7.54 7.51
C SER A 208 -7.45 -8.97 7.04
N GLU A 209 -6.84 -9.35 5.92
CA GLU A 209 -6.98 -10.70 5.34
C GLU A 209 -8.42 -11.01 4.95
N GLY A 210 -9.10 -10.03 4.38
CA GLY A 210 -10.40 -10.26 3.73
C GLY A 210 -11.59 -9.44 4.21
N SER A 211 -11.39 -8.56 5.18
CA SER A 211 -12.50 -7.73 5.68
C SER A 211 -12.61 -6.43 4.89
N HIS A 212 -13.79 -5.83 4.93
CA HIS A 212 -14.03 -4.53 4.30
C HIS A 212 -14.15 -3.49 5.43
N PRO A 213 -13.55 -2.29 5.25
CA PRO A 213 -13.60 -1.29 6.33
C PRO A 213 -14.98 -0.68 6.61
N PHE A 214 -15.90 -0.82 5.66
CA PHE A 214 -17.32 -0.44 5.80
C PHE A 214 -18.29 -1.61 6.09
N GLY A 215 -17.76 -2.71 6.60
CA GLY A 215 -18.57 -3.73 7.26
C GLY A 215 -19.01 -4.84 6.34
N LYS A 216 -19.99 -5.61 6.80
CA LYS A 216 -20.53 -6.72 6.01
C LYS A 216 -21.41 -6.16 4.88
N SER A 217 -21.55 -6.94 3.81
CA SER A 217 -22.05 -6.46 2.51
C SER A 217 -23.46 -5.86 2.49
N LEU A 218 -24.39 -6.37 3.29
CA LEU A 218 -25.76 -5.85 3.33
C LEU A 218 -25.89 -4.41 3.88
N GLN A 219 -24.92 -3.98 4.68
CA GLN A 219 -24.90 -2.65 5.28
C GLN A 219 -23.79 -1.74 4.73
N ARG A 220 -23.03 -2.25 3.76
CA ARG A 220 -21.78 -1.62 3.31
C ARG A 220 -22.00 -0.27 2.64
N GLN A 221 -22.93 -0.22 1.69
CA GLN A 221 -23.23 1.02 0.96
C GLN A 221 -23.77 2.09 1.89
N ALA A 222 -24.74 1.70 2.71
CA ALA A 222 -25.30 2.57 3.73
C ALA A 222 -24.19 3.17 4.61
N ASN A 223 -23.27 2.31 5.05
CA ASN A 223 -22.10 2.75 5.83
C ASN A 223 -21.17 3.71 5.10
N ILE A 224 -20.93 3.46 3.81
CA ILE A 224 -20.09 4.33 2.98
C ILE A 224 -20.69 5.73 2.84
N LEU A 225 -22.00 5.81 2.60
CA LEU A 225 -22.71 7.09 2.48
C LEU A 225 -22.59 7.98 3.72
N LEU A 226 -22.52 7.36 4.89
CA LEU A 226 -22.38 8.08 6.16
C LEU A 226 -20.94 8.16 6.68
N GLY A 227 -20.00 7.51 6.00
CA GLY A 227 -18.61 7.46 6.43
C GLY A 227 -18.38 6.61 7.67
N ALA A 228 -19.27 5.66 7.92
CA ALA A 228 -19.19 4.80 9.09
C ALA A 228 -18.25 3.64 8.80
N CYS A 229 -16.95 3.88 8.97
CA CYS A 229 -15.93 2.85 8.79
C CYS A 229 -15.49 2.28 10.14
N SER A 230 -15.04 1.03 10.13
CA SER A 230 -14.58 0.34 11.33
C SER A 230 -13.37 -0.49 10.98
N LEU A 231 -12.21 -0.03 11.44
CA LEU A 231 -10.93 -0.68 11.16
C LEU A 231 -10.53 -1.51 12.38
N ASP A 232 -11.39 -2.48 12.71
CA ASP A 232 -11.30 -3.25 13.96
C ASP A 232 -10.06 -4.12 14.11
N CYS A 233 -9.56 -4.64 12.99
N CYS A 233 -9.55 -4.68 13.01
CA CYS A 233 -8.37 -5.50 12.98
CA CYS A 233 -8.35 -5.52 13.04
C CYS A 233 -7.06 -4.77 13.31
C CYS A 233 -7.05 -4.76 13.36
N LEU A 234 -7.08 -3.43 13.29
CA LEU A 234 -5.94 -2.59 13.62
C LEU A 234 -5.90 -2.20 15.10
N HIS A 235 -4.93 -2.79 15.81
CA HIS A 235 -4.74 -2.59 17.25
C HIS A 235 -4.18 -1.19 17.55
N PRO A 236 -4.80 -0.44 18.49
CA PRO A 236 -4.41 0.97 18.81
C PRO A 236 -3.07 1.21 19.53
N GLU A 237 -2.49 0.15 20.11
CA GLU A 237 -1.13 0.12 20.72
C GLU A 237 -0.08 -0.79 20.03
N LYS A 238 -0.21 -0.99 18.72
CA LYS A 238 0.83 -1.64 17.91
C LYS A 238 1.28 -0.67 16.82
N HIS A 239 2.58 -0.38 16.80
CA HIS A 239 3.20 0.60 15.89
C HIS A 239 2.76 0.45 14.43
N GLU A 240 2.86 -0.76 13.91
CA GLU A 240 2.50 -1.05 12.51
C GLU A 240 1.02 -0.75 12.22
N ASP A 241 0.16 -1.05 13.18
CA ASP A 241 -1.29 -0.80 13.07
C ASP A 241 -1.66 0.67 13.25
N VAL A 242 -0.92 1.37 14.11
CA VAL A 242 -1.11 2.80 14.32
C VAL A 242 -0.79 3.55 13.03
N ILE A 243 0.28 3.15 12.34
CA ILE A 243 0.70 3.78 11.08
C ILE A 243 -0.29 3.46 9.97
N ALA A 244 -0.63 2.18 9.82
CA ALA A 244 -1.59 1.75 8.80
C ALA A 244 -2.95 2.42 8.95
N ARG A 245 -3.44 2.51 10.19
CA ARG A 245 -4.69 3.20 10.50
C ARG A 245 -4.66 4.67 10.08
N GLU A 246 -3.59 5.35 10.48
CA GLU A 246 -3.37 6.76 10.15
C GLU A 246 -3.55 7.03 8.64
N LEU A 247 -2.94 6.17 7.83
CA LEU A 247 -3.00 6.29 6.38
C LEU A 247 -4.37 5.91 5.84
N ILE A 248 -4.86 4.73 6.24
CA ILE A 248 -6.09 4.19 5.67
C ILE A 248 -7.28 5.12 5.91
N GLU A 249 -7.36 5.68 7.11
CA GLU A 249 -8.42 6.64 7.46
C GLU A 249 -8.42 7.89 6.56
N LYS A 250 -7.23 8.38 6.22
CA LYS A 250 -7.12 9.49 5.26
C LYS A 250 -7.57 9.09 3.86
N MET A 251 -7.26 7.86 3.44
CA MET A 251 -7.58 7.38 2.09
C MET A 251 -9.09 7.23 1.87
N ILE A 252 -9.80 6.73 2.89
CA ILE A 252 -11.25 6.54 2.83
C ILE A 252 -12.03 7.69 3.49
N ALA A 253 -11.39 8.86 3.66
CA ALA A 253 -12.04 10.02 4.27
C ALA A 253 -13.37 10.32 3.56
N MET A 254 -14.41 10.52 4.36
CA MET A 254 -15.76 10.82 3.88
C MET A 254 -15.78 12.00 2.91
N ASP A 255 -15.00 13.03 3.24
CA ASP A 255 -14.80 14.19 2.38
C ASP A 255 -13.76 13.82 1.31
N PRO A 256 -14.15 13.79 0.01
CA PRO A 256 -13.19 13.47 -1.05
C PRO A 256 -11.96 14.38 -1.11
N GLN A 257 -12.13 15.66 -0.79
CA GLN A 257 -11.04 16.64 -0.88
C GLN A 257 -9.96 16.51 0.19
N LYS A 258 -10.23 15.77 1.28
CA LYS A 258 -9.22 15.41 2.30
C LYS A 258 -8.43 14.13 2.00
N ARG A 259 -8.76 13.44 0.91
CA ARG A 259 -8.04 12.24 0.51
C ARG A 259 -6.70 12.60 -0.15
N PRO A 260 -5.62 11.90 0.22
CA PRO A 260 -4.30 12.18 -0.37
C PRO A 260 -4.18 11.61 -1.77
N SER A 261 -3.40 12.25 -2.62
CA SER A 261 -3.10 11.73 -3.96
C SER A 261 -2.29 10.45 -3.86
N ALA A 262 -2.21 9.71 -4.96
CA ALA A 262 -1.49 8.43 -4.98
C ALA A 262 -0.01 8.61 -4.63
N LYS A 263 0.62 9.64 -5.21
CA LYS A 263 2.03 9.99 -4.90
C LYS A 263 2.23 10.36 -3.43
N HIS A 264 1.21 11.00 -2.86
CA HIS A 264 1.20 11.32 -1.43
C HIS A 264 1.11 10.05 -0.58
N VAL A 265 0.25 9.11 -0.95
CA VAL A 265 0.17 7.81 -0.26
C VAL A 265 1.53 7.09 -0.25
N LEU A 266 2.24 7.17 -1.37
CA LEU A 266 3.56 6.53 -1.52
C LEU A 266 4.65 7.05 -0.58
N LYS A 267 4.53 8.30 -0.14
CA LYS A 267 5.47 8.91 0.82
C LYS A 267 5.17 8.57 2.28
N HIS A 268 4.04 7.91 2.54
CA HIS A 268 3.59 7.67 3.91
C HIS A 268 4.46 6.63 4.66
N PRO A 269 4.67 6.81 6.00
CA PRO A 269 5.45 5.87 6.86
C PRO A 269 5.14 4.38 6.77
N PHE A 270 3.89 4.05 6.52
CA PHE A 270 3.42 2.71 6.17
C PHE A 270 4.37 1.93 5.25
N PHE A 271 4.96 2.64 4.28
CA PHE A 271 5.90 2.08 3.31
C PHE A 271 7.40 2.23 3.65
N TRP A 272 7.75 2.94 4.72
CA TRP A 272 9.15 3.19 5.05
C TRP A 272 9.80 1.93 5.57
N SER A 273 11.02 1.66 5.10
CA SER A 273 11.89 0.65 5.70
C SER A 273 12.28 1.07 7.12
N LEU A 274 12.72 0.09 7.92
CA LEU A 274 13.21 0.35 9.27
C LEU A 274 14.39 1.32 9.31
N GLU A 275 15.26 1.24 8.30
CA GLU A 275 16.38 2.19 8.17
C GLU A 275 15.87 3.61 8.00
N LYS A 276 14.85 3.78 7.16
CA LYS A 276 14.26 5.08 6.89
C LYS A 276 13.50 5.65 8.10
N GLN A 277 12.80 4.77 8.81
CA GLN A 277 12.16 5.13 10.08
C GLN A 277 13.18 5.69 11.08
N LEU A 278 14.29 4.98 11.24
CA LEU A 278 15.35 5.41 12.14
C LEU A 278 16.01 6.71 11.70
N GLN A 279 16.22 6.86 10.39
CA GLN A 279 16.77 8.08 9.83
C GLN A 279 15.85 9.28 10.04
N PHE A 280 14.53 9.06 9.93
CA PHE A 280 13.55 10.12 10.22
C PHE A 280 13.70 10.61 11.65
N PHE A 281 13.67 9.69 12.62
CA PHE A 281 13.85 10.03 14.04
C PHE A 281 15.15 10.81 14.27
N GLN A 282 16.24 10.31 13.70
CA GLN A 282 17.55 10.97 13.79
C GLN A 282 17.51 12.41 13.26
N ASP A 283 16.83 12.59 12.14
CA ASP A 283 16.72 13.91 11.48
C ASP A 283 15.86 14.89 12.28
N VAL A 284 14.71 14.44 12.82
CA VAL A 284 13.88 15.35 13.64
C VAL A 284 14.65 15.76 14.90
N SER A 285 15.34 14.80 15.52
CA SER A 285 16.19 15.05 16.68
C SER A 285 17.27 16.10 16.40
N ASP A 286 17.96 15.94 15.27
CA ASP A 286 18.92 16.94 14.79
C ASP A 286 18.26 18.31 14.57
N ARG A 287 17.06 18.29 13.97
CA ARG A 287 16.30 19.53 13.73
C ARG A 287 15.89 20.26 15.01
N ILE A 288 15.55 19.52 16.06
CA ILE A 288 15.03 20.12 17.31
C ILE A 288 16.08 20.31 18.42
N GLU A 289 17.36 20.08 18.12
CA GLU A 289 18.44 20.16 19.12
C GLU A 289 18.65 21.58 19.66
N LYS A 290 18.77 22.53 18.75
CA LYS A 290 18.94 23.96 19.08
C LYS A 290 17.62 24.73 19.21
N GLU A 291 16.49 24.06 18.94
CA GLU A 291 15.18 24.68 19.02
C GLU A 291 14.81 24.93 20.48
N SER A 292 14.19 26.08 20.74
CA SER A 292 13.81 26.46 22.11
C SER A 292 12.61 25.63 22.57
N LEU A 293 12.61 25.28 23.86
CA LEU A 293 11.56 24.43 24.46
C LEU A 293 10.16 25.02 24.39
N ASP A 294 10.16 26.35 24.21
CA ASP A 294 8.91 27.05 24.11
C ASP A 294 8.55 27.52 22.70
N GLY A 295 9.32 27.14 21.67
CA GLY A 295 9.02 27.47 20.28
C GLY A 295 7.86 26.66 19.73
N PRO A 296 7.31 27.06 18.56
CA PRO A 296 6.20 26.35 17.92
C PRO A 296 6.44 24.86 17.60
N ILE A 297 7.67 24.50 17.25
CA ILE A 297 8.00 23.14 16.81
C ILE A 297 7.98 22.16 18.00
N VAL A 298 8.73 22.50 19.05
CA VAL A 298 8.76 21.69 20.28
C VAL A 298 7.38 21.66 20.97
N LYS A 299 6.61 22.73 20.86
CA LYS A 299 5.23 22.76 21.40
C LYS A 299 4.30 21.78 20.69
N GLN A 300 4.30 21.84 19.36
CA GLN A 300 3.61 20.84 18.53
C GLN A 300 4.03 19.41 18.89
N LEU A 301 5.32 19.24 19.14
CA LEU A 301 5.89 17.95 19.50
C LEU A 301 5.52 17.45 20.89
N GLU A 302 5.41 18.35 21.86
CA GLU A 302 5.04 17.97 23.24
C GLU A 302 3.53 17.91 23.50
N ARG A 303 2.72 18.48 22.60
CA ARG A 303 1.26 18.41 22.70
C ARG A 303 0.71 17.00 22.50
N GLY A 304 0.04 16.46 23.52
CA GLY A 304 -0.43 15.07 23.50
C GLY A 304 0.68 14.07 23.76
N GLY A 305 1.83 14.56 24.23
CA GLY A 305 3.05 13.77 24.29
C GLY A 305 3.19 12.84 25.49
N ARG A 306 2.36 13.02 26.52
CA ARG A 306 2.47 12.22 27.75
C ARG A 306 2.04 10.77 27.49
N ALA A 307 0.94 10.60 26.77
CA ALA A 307 0.46 9.30 26.30
C ALA A 307 1.44 8.58 25.37
N VAL A 308 2.05 9.33 24.46
CA VAL A 308 3.06 8.83 23.52
C VAL A 308 4.29 8.24 24.23
N VAL A 309 4.66 8.87 25.33
CA VAL A 309 5.86 8.53 26.11
C VAL A 309 5.54 7.56 27.28
N LYS A 310 4.26 7.18 27.43
CA LYS A 310 3.75 6.40 28.57
C LYS A 310 4.09 7.07 29.90
N MET A 311 3.78 8.37 29.97
CA MET A 311 4.06 9.26 31.11
C MET A 311 5.54 9.51 31.37
N ASP A 312 6.28 8.46 31.67
CA ASP A 312 7.73 8.52 31.85
C ASP A 312 8.36 7.42 30.98
N TRP A 313 9.01 7.80 29.89
CA TRP A 313 9.65 6.81 29.00
C TRP A 313 10.81 6.07 29.67
N ARG A 314 11.52 6.73 30.58
CA ARG A 314 12.63 6.11 31.32
C ARG A 314 12.21 4.92 32.19
N GLU A 315 10.92 4.87 32.56
CA GLU A 315 10.32 3.72 33.25
C GLU A 315 9.76 2.62 32.33
N ASN A 316 9.81 2.85 31.01
CA ASN A 316 9.28 1.90 30.01
C ASN A 316 10.32 1.32 29.03
N ILE A 317 11.60 1.59 29.30
CA ILE A 317 12.75 1.02 28.57
C ILE A 317 13.43 -0.04 29.45
N THR A 318 14.38 -0.79 28.89
CA THR A 318 15.03 -1.89 29.61
C THR A 318 16.05 -1.38 30.64
N VAL A 319 16.30 -2.21 31.65
CA VAL A 319 17.18 -1.86 32.78
C VAL A 319 18.60 -1.43 32.37
N PRO A 320 19.23 -2.14 31.39
CA PRO A 320 20.56 -1.72 30.93
C PRO A 320 20.62 -0.36 30.22
N LEU A 321 19.57 0.00 29.48
CA LEU A 321 19.49 1.33 28.87
C LEU A 321 19.18 2.40 29.91
N GLN A 322 18.31 2.03 30.86
CA GLN A 322 18.00 2.85 32.02
C GLN A 322 19.28 3.26 32.77
N THR A 323 20.11 2.27 33.09
CA THR A 323 21.39 2.48 33.80
C THR A 323 22.36 3.36 33.02
N ASP A 324 22.50 3.10 31.71
CA ASP A 324 23.41 3.90 30.87
C ASP A 324 22.98 5.37 30.77
N LEU A 325 21.67 5.61 30.84
CA LEU A 325 21.11 6.97 30.75
C LEU A 325 21.18 7.79 32.03
N ARG A 326 21.24 7.14 33.19
CA ARG A 326 21.24 7.81 34.51
C ARG A 326 22.20 9.02 34.65
N LYS A 327 23.29 8.98 33.89
CA LYS A 327 24.29 10.05 33.88
C LYS A 327 23.75 11.32 33.23
N PHE A 328 22.93 11.11 32.19
CA PHE A 328 22.27 12.18 31.46
C PHE A 328 21.09 12.71 32.27
N ARG A 329 21.38 13.59 33.23
CA ARG A 329 20.34 14.27 33.99
C ARG A 329 19.47 15.15 33.08
N THR A 330 20.04 15.58 31.95
CA THR A 330 19.35 16.37 30.93
C THR A 330 18.04 15.77 30.40
N TYR A 331 18.03 14.46 30.10
CA TYR A 331 16.86 13.85 29.45
C TYR A 331 15.69 13.69 30.43
N LYS A 332 14.64 14.48 30.19
CA LYS A 332 13.39 14.43 30.93
C LYS A 332 12.49 13.32 30.41
N GLY A 333 11.95 12.52 31.33
CA GLY A 333 11.15 11.35 31.00
C GLY A 333 9.72 11.61 30.52
N GLY A 334 9.17 12.77 30.86
CA GLY A 334 7.89 13.22 30.30
C GLY A 334 7.96 13.73 28.86
N SER A 335 9.16 14.01 28.37
CA SER A 335 9.37 14.71 27.10
C SER A 335 9.56 13.76 25.91
N VAL A 336 8.80 14.03 24.85
CA VAL A 336 8.93 13.39 23.54
C VAL A 336 10.26 13.81 22.89
N ARG A 337 10.61 15.10 22.97
CA ARG A 337 11.88 15.63 22.45
C ARG A 337 13.10 14.89 23.00
N ASP A 338 13.13 14.72 24.32
CA ASP A 338 14.26 14.09 24.99
C ASP A 338 14.39 12.59 24.71
N LEU A 339 13.27 11.91 24.54
CA LEU A 339 13.28 10.52 24.05
C LEU A 339 13.93 10.44 22.68
N LEU A 340 13.53 11.33 21.77
CA LEU A 340 14.17 11.40 20.46
C LEU A 340 15.66 11.76 20.59
N ARG A 341 16.00 12.67 21.50
CA ARG A 341 17.42 12.99 21.76
C ARG A 341 18.21 11.81 22.31
N ALA A 342 17.61 11.07 23.24
CA ALA A 342 18.22 9.86 23.78
C ALA A 342 18.47 8.84 22.67
N MET A 343 17.49 8.65 21.81
CA MET A 343 17.62 7.74 20.66
C MET A 343 18.76 8.13 19.72
N ARG A 344 18.80 9.41 19.34
CA ARG A 344 19.85 9.92 18.43
C ARG A 344 21.23 9.85 19.07
N ASN A 345 21.29 10.11 20.37
CA ASN A 345 22.54 10.03 21.14
C ASN A 345 23.13 8.62 21.09
N LYS A 346 22.30 7.64 21.44
CA LYS A 346 22.73 6.22 21.47
C LYS A 346 22.98 5.60 20.10
N LYS A 347 22.31 6.09 19.05
CA LYS A 347 22.61 5.66 17.68
C LYS A 347 23.98 6.19 17.24
N HIS A 348 24.25 7.46 17.55
CA HIS A 348 25.51 8.12 17.20
C HIS A 348 26.71 7.54 17.96
N HIS A 349 26.54 7.31 19.25
CA HIS A 349 27.58 6.74 20.11
C HIS A 349 27.54 5.21 20.23
N TYR A 350 26.73 4.54 19.41
CA TYR A 350 26.45 3.09 19.52
C TYR A 350 27.70 2.22 19.70
N ARG A 351 28.71 2.52 18.89
CA ARG A 351 30.00 1.81 18.91
C ARG A 351 30.67 1.87 20.29
N GLU A 352 30.62 3.05 20.91
CA GLU A 352 31.29 3.31 22.19
C GLU A 352 30.49 2.89 23.44
N LEU A 353 29.27 2.38 23.27
CA LEU A 353 28.44 1.98 24.41
C LEU A 353 28.95 0.69 25.04
N PRO A 354 28.69 0.49 26.35
CA PRO A 354 28.93 -0.81 27.01
C PRO A 354 28.30 -1.97 26.26
N ALA A 355 28.91 -3.15 26.40
CA ALA A 355 28.44 -4.36 25.73
C ALA A 355 26.96 -4.66 26.02
N GLU A 356 26.56 -4.47 27.27
CA GLU A 356 25.19 -4.76 27.72
C GLU A 356 24.14 -3.83 27.10
N VAL A 357 24.55 -2.61 26.76
CA VAL A 357 23.66 -1.62 26.13
C VAL A 357 23.47 -1.93 24.64
N ARG A 358 24.57 -2.25 23.95
CA ARG A 358 24.50 -2.69 22.55
C ARG A 358 23.67 -3.97 22.42
N GLU A 359 23.78 -4.83 23.42
CA GLU A 359 23.01 -6.06 23.48
C GLU A 359 21.51 -5.82 23.70
N THR A 360 21.13 -4.96 24.65
CA THR A 360 19.69 -4.70 24.90
C THR A 360 19.02 -3.99 23.71
N LEU A 361 19.75 -3.06 23.09
CA LEU A 361 19.28 -2.35 21.91
C LEU A 361 19.30 -3.18 20.63
N GLY A 362 20.23 -4.13 20.55
CA GLY A 362 20.41 -4.94 19.35
C GLY A 362 21.12 -4.16 18.25
N SER A 363 21.12 -4.73 17.04
CA SER A 363 21.85 -4.17 15.91
C SER A 363 21.22 -2.91 15.28
N LEU A 364 22.06 -2.07 14.70
CA LEU A 364 21.64 -0.94 13.88
C LEU A 364 21.37 -1.40 12.46
N PRO A 365 20.32 -0.88 11.81
CA PRO A 365 19.24 -0.02 12.30
C PRO A 365 18.00 -0.78 12.79
N ASP A 366 17.83 -2.03 12.38
CA ASP A 366 16.53 -2.72 12.47
C ASP A 366 16.07 -3.06 13.90
N ASP A 367 16.94 -3.68 14.70
CA ASP A 367 16.63 -4.00 16.11
C ASP A 367 16.51 -2.74 16.94
N PHE A 368 17.47 -1.85 16.75
CA PHE A 368 17.51 -0.55 17.41
C PHE A 368 16.19 0.21 17.32
N VAL A 369 15.72 0.44 16.10
CA VAL A 369 14.49 1.21 15.89
C VAL A 369 13.26 0.48 16.47
N CYS A 370 13.21 -0.84 16.29
CA CYS A 370 12.13 -1.67 16.84
C CYS A 370 12.12 -1.72 18.38
N TYR A 371 13.27 -1.55 19.01
CA TYR A 371 13.36 -1.39 20.47
C TYR A 371 12.39 -0.28 20.93
N PHE A 372 12.40 0.83 20.21
CA PHE A 372 11.60 2.01 20.58
C PHE A 372 10.16 2.01 20.06
N THR A 373 9.95 1.61 18.81
CA THR A 373 8.59 1.62 18.24
C THR A 373 7.67 0.54 18.83
N SER A 374 8.25 -0.56 19.32
CA SER A 374 7.47 -1.58 20.04
C SER A 374 7.04 -1.10 21.42
N ARG A 375 7.93 -0.37 22.09
CA ARG A 375 7.64 0.20 23.41
C ARG A 375 6.80 1.45 23.35
N PHE A 376 7.00 2.26 22.31
CA PHE A 376 6.29 3.54 22.16
C PHE A 376 5.56 3.54 20.82
N PRO A 377 4.43 2.80 20.74
CA PRO A 377 3.73 2.55 19.47
C PRO A 377 3.15 3.77 18.77
N HIS A 378 3.02 4.89 19.46
CA HIS A 378 2.57 6.15 18.86
C HIS A 378 3.68 7.12 18.50
N LEU A 379 4.93 6.77 18.77
CA LEU A 379 6.04 7.73 18.64
C LEU A 379 6.18 8.28 17.21
N LEU A 380 6.21 7.39 16.22
CA LEU A 380 6.42 7.79 14.82
C LEU A 380 5.22 8.54 14.25
N ALA A 381 4.02 7.99 14.44
CA ALA A 381 2.78 8.67 14.02
C ALA A 381 2.72 10.08 14.57
N HIS A 382 2.96 10.22 15.87
CA HIS A 382 2.93 11.52 16.54
C HIS A 382 4.04 12.46 16.04
N THR A 383 5.24 11.93 15.86
CA THR A 383 6.37 12.72 15.38
C THR A 383 6.15 13.17 13.93
N TYR A 384 5.62 12.28 13.10
CA TYR A 384 5.27 12.58 11.71
C TYR A 384 4.25 13.73 11.56
N ARG A 385 3.19 13.70 12.36
CA ARG A 385 2.17 14.76 12.38
C ARG A 385 2.75 16.08 12.87
N ALA A 386 3.37 16.02 14.04
CA ALA A 386 4.03 17.17 14.68
C ALA A 386 5.04 17.88 13.78
N MET A 387 5.81 17.12 13.02
CA MET A 387 6.91 17.68 12.21
C MET A 387 6.51 18.09 10.78
N GLU A 388 5.22 18.01 10.44
CA GLU A 388 4.66 18.63 9.22
C GLU A 388 5.00 20.11 9.08
N LEU A 389 5.09 20.81 10.21
CA LEU A 389 5.61 22.19 10.26
C LEU A 389 6.93 22.41 9.49
N CYS A 390 7.81 21.41 9.51
CA CYS A 390 9.09 21.46 8.80
C CYS A 390 9.07 20.73 7.44
N SER A 391 7.89 20.45 6.89
CA SER A 391 7.75 19.60 5.69
C SER A 391 8.34 20.21 4.42
N HIS A 392 8.22 21.52 4.26
CA HIS A 392 8.81 22.25 3.13
C HIS A 392 10.35 22.36 3.20
N GLU A 393 10.91 22.17 4.38
CA GLU A 393 12.35 22.20 4.57
C GLU A 393 13.05 21.07 3.81
N ARG A 394 14.30 21.33 3.45
CA ARG A 394 15.09 20.50 2.55
C ARG A 394 15.37 19.11 3.14
N LEU A 395 15.72 19.09 4.43
CA LEU A 395 16.03 17.86 5.15
C LEU A 395 14.84 16.88 5.25
N PHE A 396 13.62 17.41 5.26
CA PHE A 396 12.40 16.62 5.45
C PHE A 396 11.61 16.30 4.18
N GLN A 397 12.02 16.87 3.05
CA GLN A 397 11.41 16.57 1.74
C GLN A 397 11.38 15.08 1.35
N PRO A 398 12.37 14.28 1.80
CA PRO A 398 12.26 12.82 1.63
C PRO A 398 11.08 12.13 2.33
N TYR A 399 10.56 12.72 3.41
CA TYR A 399 9.50 12.11 4.24
C TYR A 399 8.07 12.59 3.96
N TYR A 400 7.95 13.79 3.38
CA TYR A 400 6.66 14.40 3.08
C TYR A 400 6.52 14.69 1.59
N PHE A 401 5.28 14.65 1.11
CA PHE A 401 4.92 15.06 -0.23
C PHE A 401 4.55 16.54 -0.17
N HIS A 402 4.99 17.33 -1.15
CA HIS A 402 4.55 18.74 -1.29
C HIS A 402 3.60 18.88 -2.48
N GLU A 403 2.64 19.80 -2.34
CA GLU A 403 1.65 20.09 -3.39
C GLU A 403 2.31 20.64 -4.66
#